data_7WYL
#
_entry.id   7WYL
#
_cell.length_a   59.767
_cell.length_b   70.497
_cell.length_c   86.001
_cell.angle_alpha   90.000
_cell.angle_beta   90.000
_cell.angle_gamma   90.000
#
_symmetry.space_group_name_H-M   'P 21 21 21'
#
loop_
_entity.id
_entity.type
_entity.pdbx_description
1 polymer '3C protein'
2 non-polymer N-methyl-N-[[4-(trifluoromethyl)-1,3-thiazol-2-yl]methyl]prop-2-enamide
3 water water
#
_entity_poly.entity_id   1
_entity_poly.type   'polypeptide(L)'
_entity_poly.pdbx_seq_one_letter_code
;GSHMGPSLDFALSLLRRNVRQVQTDQGHFTMLGVRDRLAVLPRHSQPGKTIWIEHKLVNVLDAVELVDEQGVNLELTLIT
LDTNEKFRDITKFIPENISTASDATLVINTEHMPSMFVPVGDVVQYGFLNLSGKPTGRTMMYNFPTKAGQCGGVVTSVGK
IIGIHIGGNGRQGFCAGLKRSYFASEQ
;
_entity_poly.pdbx_strand_id   A,B
#
loop_
_chem_comp.id
_chem_comp.type
_chem_comp.name
_chem_comp.formula
G7L non-polymer N-methyl-N-[[4-(trifluoromethyl)-1,3-thiazol-2-yl]methyl]prop-2-enamide 'C9 H9 F3 N2 O S'
#
# COMPACT_ATOMS: atom_id res chain seq x y z
N GLY A 5 -9.39 7.64 27.43
CA GLY A 5 -7.99 8.10 27.64
C GLY A 5 -7.05 7.79 26.48
N PRO A 6 -5.86 7.31 26.79
CA PRO A 6 -4.91 7.00 25.71
C PRO A 6 -5.35 5.84 24.82
N SER A 7 -5.99 4.83 25.39
CA SER A 7 -6.49 3.71 24.60
C SER A 7 -7.51 4.19 23.57
N LEU A 8 -8.43 5.06 24.01
CA LEU A 8 -9.50 5.52 23.14
C LEU A 8 -8.98 6.54 22.16
N ASP A 9 -7.95 7.29 22.54
CA ASP A 9 -7.30 8.20 21.59
C ASP A 9 -6.80 7.43 20.38
N PHE A 10 -6.07 6.33 20.62
CA PHE A 10 -5.60 5.51 19.53
C PHE A 10 -6.76 4.91 18.74
N ALA A 11 -7.79 4.40 19.44
CA ALA A 11 -8.90 3.78 18.73
C ALA A 11 -9.62 4.80 17.85
N LEU A 12 -9.79 6.03 18.35
CA LEU A 12 -10.46 7.05 17.57
C LEU A 12 -9.66 7.41 16.33
N SER A 13 -8.34 7.55 16.46
CA SER A 13 -7.53 7.86 15.29
C SER A 13 -7.54 6.72 14.27
N LEU A 14 -7.63 5.49 14.77
CA LEU A 14 -7.70 4.34 13.88
C LEU A 14 -9.01 4.35 13.11
N LEU A 15 -10.11 4.61 13.82
CA LEU A 15 -11.39 4.74 13.13
C LEU A 15 -11.26 5.75 12.00
N ARG A 16 -10.74 6.92 12.32
CA ARG A 16 -10.80 8.05 11.39
C ARG A 16 -10.09 7.75 10.09
N ARG A 17 -8.92 7.14 10.16
CA ARG A 17 -8.03 6.99 9.03
CA ARG A 17 -8.05 7.00 9.01
C ARG A 17 -8.07 5.60 8.42
N ASN A 18 -8.62 4.61 9.13
CA ASN A 18 -8.41 3.25 8.67
C ASN A 18 -9.61 2.30 8.79
N VAL A 19 -10.73 2.70 9.37
CA VAL A 19 -11.85 1.78 9.62
C VAL A 19 -13.06 2.26 8.85
N ARG A 20 -13.51 1.45 7.91
CA ARG A 20 -14.51 1.89 6.96
C ARG A 20 -15.71 0.97 6.94
N GLN A 21 -16.84 1.56 6.61
CA GLN A 21 -18.09 0.83 6.47
C GLN A 21 -18.18 0.23 5.07
N VAL A 22 -18.47 -1.06 4.99
CA VAL A 22 -18.60 -1.71 3.69
C VAL A 22 -19.83 -2.60 3.66
N GLN A 23 -20.24 -2.95 2.45
CA GLN A 23 -21.37 -3.83 2.27
C GLN A 23 -21.06 -4.80 1.15
N THR A 24 -21.24 -6.09 1.41
CA THR A 24 -21.16 -7.14 0.38
C THR A 24 -22.55 -7.78 0.26
N ASP A 25 -22.68 -8.80 -0.63
CA ASP A 25 -23.93 -9.53 -0.71
C ASP A 25 -24.22 -10.26 0.60
N GLN A 26 -23.21 -10.47 1.42
CA GLN A 26 -23.37 -11.09 2.71
C GLN A 26 -23.75 -10.12 3.82
N GLY A 27 -23.78 -8.82 3.57
CA GLY A 27 -24.19 -7.89 4.59
C GLY A 27 -23.20 -6.76 4.81
N HIS A 28 -23.31 -6.19 6.00
CA HIS A 28 -22.61 -4.99 6.41
C HIS A 28 -21.42 -5.36 7.26
N PHE A 29 -20.25 -4.82 6.93
CA PHE A 29 -19.02 -5.21 7.59
C PHE A 29 -18.17 -4.00 7.91
N THR A 30 -17.34 -4.19 8.92
CA THR A 30 -16.26 -3.26 9.28
C THR A 30 -15.03 -3.70 8.54
N MET A 31 -14.43 -2.78 7.78
CA MET A 31 -13.22 -3.11 7.06
C MET A 31 -12.04 -2.35 7.69
N LEU A 32 -10.91 -3.02 7.89
CA LEU A 32 -9.69 -2.37 8.32
C LEU A 32 -8.79 -2.17 7.12
N GLY A 33 -8.56 -0.91 6.75
CA GLY A 33 -7.52 -0.60 5.77
C GLY A 33 -6.16 -0.63 6.46
N VAL A 34 -5.22 -1.35 5.87
CA VAL A 34 -3.95 -1.61 6.54
C VAL A 34 -2.85 -0.68 6.07
N ARG A 35 -2.75 -0.49 4.76
CA ARG A 35 -1.77 0.37 4.13
C ARG A 35 -2.14 0.41 2.64
N ASP A 36 -1.67 1.45 1.94
CA ASP A 36 -1.75 1.48 0.47
C ASP A 36 -3.21 1.22 0.08
N ARG A 37 -3.48 0.22 -0.77
CA ARG A 37 -4.83 -0.19 -1.13
C ARG A 37 -5.21 -1.55 -0.56
N LEU A 38 -4.51 -1.96 0.50
CA LEU A 38 -4.68 -3.26 1.11
C LEU A 38 -5.57 -3.16 2.35
N ALA A 39 -6.59 -4.01 2.42
CA ALA A 39 -7.49 -4.01 3.57
C ALA A 39 -7.80 -5.45 3.98
N VAL A 40 -8.33 -5.60 5.18
CA VAL A 40 -8.70 -6.89 5.72
C VAL A 40 -10.14 -6.89 6.24
N LEU A 41 -10.81 -8.02 6.02
CA LEU A 41 -12.20 -8.25 6.40
C LEU A 41 -12.30 -9.61 7.05
N PRO A 42 -13.33 -9.85 7.86
CA PRO A 42 -13.63 -11.24 8.24
C PRO A 42 -14.00 -12.05 7.00
N ARG A 43 -13.56 -13.30 6.96
CA ARG A 43 -13.76 -14.13 5.76
C ARG A 43 -15.23 -14.26 5.41
N HIS A 44 -16.11 -14.32 6.40
CA HIS A 44 -17.51 -14.53 6.10
C HIS A 44 -18.12 -13.40 5.28
N SER A 45 -17.46 -12.25 5.18
CA SER A 45 -17.93 -11.19 4.28
C SER A 45 -17.96 -11.61 2.82
N GLN A 46 -17.12 -12.57 2.42
CA GLN A 46 -17.10 -13.11 1.06
CA GLN A 46 -17.09 -13.11 1.06
C GLN A 46 -17.14 -12.00 0.01
N PRO A 47 -16.18 -11.08 0.00
CA PRO A 47 -16.19 -10.00 -1.00
C PRO A 47 -16.20 -10.54 -2.42
N GLY A 48 -16.93 -9.87 -3.29
CA GLY A 48 -16.97 -10.19 -4.69
C GLY A 48 -16.03 -9.35 -5.53
N LYS A 49 -16.34 -9.24 -6.82
CA LYS A 49 -15.50 -8.45 -7.70
CA LYS A 49 -15.53 -8.45 -7.74
C LYS A 49 -15.69 -6.95 -7.49
N THR A 50 -16.78 -6.55 -6.86
CA THR A 50 -17.04 -5.18 -6.46
CA THR A 50 -17.00 -5.18 -6.45
C THR A 50 -17.50 -5.20 -5.01
N ILE A 51 -17.28 -4.09 -4.30
CA ILE A 51 -17.74 -3.92 -2.93
C ILE A 51 -18.17 -2.47 -2.74
N TRP A 52 -19.12 -2.28 -1.86
CA TRP A 52 -19.56 -0.95 -1.49
C TRP A 52 -18.74 -0.48 -0.31
N ILE A 53 -18.08 0.66 -0.43
CA ILE A 53 -17.26 1.23 0.65
C ILE A 53 -17.71 2.65 0.85
N GLU A 54 -18.29 2.92 2.01
CA GLU A 54 -18.71 4.27 2.34
C GLU A 54 -19.55 4.86 1.21
N HIS A 55 -20.47 4.04 0.71
CA HIS A 55 -21.46 4.43 -0.29
C HIS A 55 -20.89 4.61 -1.69
N LYS A 56 -19.71 4.08 -1.96
CA LYS A 56 -19.11 4.15 -3.28
CA LYS A 56 -19.11 4.15 -3.28
C LYS A 56 -18.84 2.74 -3.77
N LEU A 57 -19.06 2.51 -5.07
CA LEU A 57 -18.80 1.22 -5.70
C LEU A 57 -17.32 1.08 -6.09
N VAL A 58 -16.64 0.11 -5.49
CA VAL A 58 -15.21 -0.09 -5.65
C VAL A 58 -14.92 -1.48 -6.19
N ASN A 59 -14.04 -1.55 -7.19
CA ASN A 59 -13.61 -2.83 -7.71
C ASN A 59 -12.62 -3.47 -6.73
N VAL A 60 -12.79 -4.77 -6.52
CA VAL A 60 -11.83 -5.57 -5.76
C VAL A 60 -10.86 -6.21 -6.76
N LEU A 61 -9.59 -5.83 -6.67
CA LEU A 61 -8.60 -6.33 -7.63
C LEU A 61 -8.10 -7.72 -7.26
N ASP A 62 -8.05 -8.05 -5.97
CA ASP A 62 -7.59 -9.35 -5.53
C ASP A 62 -8.22 -9.61 -4.17
N ALA A 63 -8.48 -10.89 -3.87
CA ALA A 63 -8.98 -11.30 -2.58
C ALA A 63 -8.27 -12.59 -2.22
N VAL A 64 -7.71 -12.66 -1.02
CA VAL A 64 -7.02 -13.86 -0.56
C VAL A 64 -7.56 -14.21 0.82
N GLU A 65 -8.04 -15.45 0.96
CA GLU A 65 -8.51 -15.97 2.24
C GLU A 65 -7.33 -16.65 2.93
N LEU A 66 -6.95 -16.15 4.08
CA LEU A 66 -5.73 -16.58 4.71
C LEU A 66 -5.92 -17.89 5.47
N VAL A 67 -4.92 -18.74 5.38
CA VAL A 67 -4.83 -20.02 6.05
C VAL A 67 -3.45 -20.12 6.68
N ASP A 68 -3.35 -21.01 7.65
CA ASP A 68 -2.08 -21.27 8.29
C ASP A 68 -1.30 -22.31 7.49
N GLU A 69 -0.19 -22.79 8.07
CA GLU A 69 0.69 -23.68 7.34
C GLU A 69 0.14 -25.08 7.16
N GLN A 70 -0.96 -25.42 7.82
CA GLN A 70 -1.72 -26.64 7.59
C GLN A 70 -2.92 -26.42 6.70
N GLY A 71 -3.10 -25.20 6.20
CA GLY A 71 -4.30 -24.85 5.47
C GLY A 71 -5.55 -24.69 6.30
N VAL A 72 -5.40 -24.49 7.59
CA VAL A 72 -6.54 -24.23 8.47
C VAL A 72 -6.96 -22.78 8.32
N ASN A 73 -8.26 -22.57 8.18
CA ASN A 73 -8.83 -21.26 8.06
C ASN A 73 -8.41 -20.33 9.19
N LEU A 74 -8.02 -19.11 8.80
CA LEU A 74 -7.80 -18.03 9.74
C LEU A 74 -8.93 -17.02 9.79
N GLU A 75 -9.97 -17.18 8.97
CA GLU A 75 -11.18 -16.35 8.97
C GLU A 75 -10.86 -14.89 8.62
N LEU A 76 -9.81 -14.67 7.84
CA LEU A 76 -9.39 -13.35 7.38
C LEU A 76 -9.32 -13.36 5.86
N THR A 77 -9.81 -12.29 5.22
CA THR A 77 -9.65 -12.10 3.79
C THR A 77 -8.96 -10.76 3.57
N LEU A 78 -7.86 -10.79 2.81
CA LEU A 78 -7.11 -9.62 2.39
C LEU A 78 -7.65 -9.26 1.01
N ILE A 79 -7.97 -7.99 0.83
CA ILE A 79 -8.42 -7.50 -0.46
C ILE A 79 -7.55 -6.32 -0.87
N THR A 80 -7.35 -6.19 -2.17
CA THR A 80 -6.70 -5.03 -2.77
C THR A 80 -7.76 -4.24 -3.54
N LEU A 81 -7.87 -2.96 -3.23
CA LEU A 81 -8.94 -2.14 -3.76
C LEU A 81 -8.47 -1.32 -4.95
N ASP A 82 -9.37 -1.19 -5.94
CA ASP A 82 -9.13 -0.41 -7.15
C ASP A 82 -9.43 1.05 -6.81
N THR A 83 -8.44 1.73 -6.26
CA THR A 83 -8.61 3.12 -5.85
C THR A 83 -7.27 3.82 -5.94
N ASN A 84 -7.32 5.15 -6.02
CA ASN A 84 -6.10 5.94 -5.97
C ASN A 84 -5.73 6.32 -4.54
N GLU A 85 -6.72 6.45 -3.67
CA GLU A 85 -6.46 6.81 -2.29
C GLU A 85 -5.68 5.72 -1.56
N LYS A 86 -4.97 6.12 -0.54
CA LYS A 86 -4.14 5.21 0.22
C LYS A 86 -4.48 5.31 1.70
N PHE A 87 -4.57 4.16 2.33
CA PHE A 87 -4.76 4.13 3.76
C PHE A 87 -3.46 4.53 4.43
N ARG A 88 -3.57 5.20 5.56
CA ARG A 88 -2.42 5.40 6.42
C ARG A 88 -1.87 4.02 6.78
N ASP A 89 -0.54 3.89 6.79
CA ASP A 89 0.13 2.62 7.04
C ASP A 89 0.11 2.37 8.54
N ILE A 90 -0.69 1.40 8.99
CA ILE A 90 -0.79 1.11 10.41
C ILE A 90 -0.07 -0.18 10.80
N THR A 91 0.70 -0.76 9.88
CA THR A 91 1.32 -2.05 10.16
C THR A 91 2.25 -2.01 11.36
N LYS A 92 2.90 -0.87 11.65
CA LYS A 92 3.73 -0.79 12.85
C LYS A 92 2.93 -0.90 14.15
N PHE A 93 1.60 -0.78 14.09
CA PHE A 93 0.73 -1.01 15.24
C PHE A 93 0.21 -2.44 15.33
N ILE A 94 0.53 -3.28 14.35
CA ILE A 94 0.13 -4.69 14.35
C ILE A 94 1.33 -5.48 14.87
N PRO A 95 1.18 -6.29 15.90
CA PRO A 95 2.35 -6.89 16.54
C PRO A 95 2.91 -8.01 15.67
N GLU A 96 4.19 -8.30 15.88
CA GLU A 96 4.86 -9.36 15.11
C GLU A 96 4.30 -10.73 15.48
N ASN A 97 3.93 -10.91 16.71
CA ASN A 97 3.31 -12.13 17.18
C ASN A 97 1.92 -11.75 17.66
N ILE A 98 0.97 -12.66 17.47
CA ILE A 98 -0.40 -12.42 17.94
C ILE A 98 -0.37 -12.15 19.44
N SER A 99 -1.03 -11.08 19.88
CA SER A 99 -0.89 -10.58 21.24
CA SER A 99 -0.89 -10.54 21.23
C SER A 99 -2.24 -10.47 21.94
N THR A 100 -2.24 -10.87 23.19
CA THR A 100 -3.37 -10.65 24.07
C THR A 100 -3.35 -9.19 24.52
N ALA A 101 -4.35 -8.83 25.32
CA ALA A 101 -4.44 -7.47 25.80
C ALA A 101 -5.39 -7.39 26.99
N SER A 102 -5.17 -6.34 27.79
CA SER A 102 -6.10 -5.87 28.80
C SER A 102 -6.76 -4.61 28.27
N ASP A 103 -7.94 -4.32 28.78
CA ASP A 103 -8.61 -3.04 28.47
C ASP A 103 -8.71 -2.80 26.97
N ALA A 104 -9.16 -3.83 26.25
CA ALA A 104 -9.28 -3.72 24.82
C ALA A 104 -10.63 -3.15 24.42
N THR A 105 -10.65 -2.45 23.29
CA THR A 105 -11.85 -1.87 22.72
C THR A 105 -12.05 -2.47 21.34
N LEU A 106 -13.26 -2.86 21.06
CA LEU A 106 -13.66 -3.35 19.76
C LEU A 106 -14.32 -2.22 18.99
N VAL A 107 -13.77 -1.89 17.84
CA VAL A 107 -14.27 -0.83 16.98
C VAL A 107 -15.07 -1.45 15.84
N ILE A 108 -16.38 -1.20 15.84
CA ILE A 108 -17.32 -1.59 14.79
C ILE A 108 -17.73 -0.35 13.99
N ASN A 109 -17.77 -0.46 12.66
CA ASN A 109 -18.18 0.68 11.84
C ASN A 109 -18.86 0.13 10.59
N THR A 110 -20.20 0.11 10.63
CA THR A 110 -20.99 -0.26 9.47
C THR A 110 -22.06 0.80 9.30
N GLU A 111 -22.74 0.75 8.15
CA GLU A 111 -23.81 1.71 7.90
C GLU A 111 -24.89 1.67 8.98
N HIS A 112 -25.23 0.48 9.45
CA HIS A 112 -26.28 0.35 10.45
C HIS A 112 -25.78 0.48 11.88
N MET A 113 -24.48 0.34 12.10
CA MET A 113 -23.86 0.52 13.40
C MET A 113 -22.61 1.36 13.23
N PRO A 114 -22.79 2.66 12.99
CA PRO A 114 -21.63 3.50 12.65
C PRO A 114 -20.83 3.85 13.90
N SER A 115 -19.49 3.84 13.75
CA SER A 115 -18.57 4.42 14.73
C SER A 115 -18.90 3.96 16.15
N MET A 116 -18.88 2.65 16.35
CA MET A 116 -19.32 2.09 17.61
C MET A 116 -18.10 1.48 18.30
N PHE A 117 -17.84 1.92 19.52
CA PHE A 117 -16.74 1.43 20.35
C PHE A 117 -17.29 0.60 21.50
N VAL A 118 -16.87 -0.65 21.57
CA VAL A 118 -17.37 -1.55 22.60
C VAL A 118 -16.21 -1.93 23.51
N PRO A 119 -16.26 -1.61 24.80
CA PRO A 119 -15.25 -2.12 25.74
C PRO A 119 -15.48 -3.62 25.91
N VAL A 120 -14.45 -4.39 25.59
CA VAL A 120 -14.53 -5.83 25.77
C VAL A 120 -13.68 -6.32 26.92
N GLY A 121 -12.68 -5.56 27.33
CA GLY A 121 -11.87 -5.93 28.48
C GLY A 121 -10.71 -6.80 28.05
N ASP A 122 -10.51 -7.89 28.78
CA ASP A 122 -9.36 -8.75 28.54
C ASP A 122 -9.60 -9.62 27.31
N VAL A 123 -8.58 -9.72 26.49
CA VAL A 123 -8.53 -10.55 25.29
C VAL A 123 -7.51 -11.64 25.58
N VAL A 124 -7.95 -12.91 25.59
CA VAL A 124 -7.14 -14.05 26.04
C VAL A 124 -6.93 -15.03 24.89
N GLN A 125 -5.78 -15.71 24.90
CA GLN A 125 -5.51 -16.71 23.88
C GLN A 125 -6.53 -17.82 23.95
N TYR A 126 -6.93 -18.30 22.79
CA TYR A 126 -7.90 -19.39 22.72
C TYR A 126 -7.35 -20.45 21.77
N GLY A 127 -7.00 -20.06 20.56
CA GLY A 127 -6.36 -20.94 19.60
C GLY A 127 -7.30 -21.55 18.59
N PHE A 128 -7.45 -22.87 18.59
CA PHE A 128 -8.32 -23.56 17.66
C PHE A 128 -9.77 -23.48 18.09
N LEU A 129 -10.62 -23.16 17.13
CA LEU A 129 -12.03 -22.90 17.41
C LEU A 129 -12.84 -23.43 16.24
N ASN A 130 -13.92 -24.14 16.51
CA ASN A 130 -14.83 -24.52 15.44
C ASN A 130 -15.89 -23.43 15.34
N LEU A 131 -15.79 -22.63 14.29
CA LEU A 131 -16.55 -21.41 14.14
C LEU A 131 -17.67 -21.71 13.15
N SER A 132 -18.85 -21.98 13.67
CA SER A 132 -20.03 -22.30 12.86
C SER A 132 -19.74 -23.43 11.87
N GLY A 133 -19.04 -24.46 12.33
CA GLY A 133 -18.73 -25.61 11.50
C GLY A 133 -17.39 -25.57 10.80
N LYS A 134 -16.71 -24.42 10.79
CA LYS A 134 -15.45 -24.27 10.07
CA LYS A 134 -15.45 -24.27 10.07
C LYS A 134 -14.28 -24.26 11.05
N PRO A 135 -13.44 -25.30 11.08
CA PRO A 135 -12.27 -25.24 11.98
C PRO A 135 -11.42 -24.03 11.65
N THR A 136 -11.03 -23.31 12.69
CA THR A 136 -10.34 -22.03 12.59
C THR A 136 -9.20 -22.03 13.58
N GLY A 137 -8.11 -21.36 13.21
CA GLY A 137 -6.96 -21.23 14.06
C GLY A 137 -6.66 -19.83 14.54
N ARG A 138 -5.80 -19.74 15.55
CA ARG A 138 -5.21 -18.48 15.99
C ARG A 138 -6.22 -17.48 16.51
N THR A 139 -7.25 -17.96 17.19
CA THR A 139 -8.28 -17.09 17.72
C THR A 139 -7.95 -16.62 19.15
N MET A 140 -8.56 -15.51 19.53
CA MET A 140 -8.58 -15.03 20.92
C MET A 140 -10.02 -14.80 21.35
N MET A 141 -10.24 -14.70 22.69
CA MET A 141 -11.58 -14.72 23.26
C MET A 141 -11.73 -13.55 24.23
N TYR A 142 -12.95 -13.01 24.29
CA TYR A 142 -13.26 -11.90 25.19
C TYR A 142 -14.74 -11.92 25.51
N ASN A 143 -15.14 -11.19 26.55
CA ASN A 143 -16.56 -11.00 26.84
C ASN A 143 -17.25 -10.13 25.76
N PHE A 144 -18.35 -10.64 25.20
CA PHE A 144 -19.10 -9.93 24.17
C PHE A 144 -20.50 -10.53 24.09
N PRO A 145 -21.39 -10.11 24.96
CA PRO A 145 -22.69 -10.82 25.03
C PRO A 145 -23.74 -10.37 24.03
N THR A 146 -23.54 -10.79 22.78
CA THR A 146 -24.48 -10.53 21.70
C THR A 146 -24.56 -11.77 20.81
N LYS A 147 -25.73 -12.02 20.23
CA LYS A 147 -25.84 -13.02 19.19
C LYS A 147 -25.75 -12.42 17.79
N ALA A 148 -25.42 -11.12 17.66
CA ALA A 148 -25.41 -10.44 16.37
C ALA A 148 -24.05 -9.85 16.01
N GLY A 149 -22.96 -10.42 16.53
CA GLY A 149 -21.62 -9.92 16.27
C GLY A 149 -21.00 -10.46 14.99
N GLN A 150 -21.71 -10.27 13.87
CA GLN A 150 -21.39 -10.90 12.60
C GLN A 150 -20.98 -9.86 11.58
N CYS A 151 -20.41 -8.74 12.04
CA CYS A 151 -20.09 -7.63 11.16
C CYS A 151 -18.59 -7.29 11.19
N GLY A 152 -17.77 -8.19 11.70
CA GLY A 152 -16.35 -7.86 11.89
C GLY A 152 -16.17 -6.89 13.05
N GLY A 153 -15.08 -6.14 13.00
CA GLY A 153 -14.73 -5.23 14.09
C GLY A 153 -13.26 -5.36 14.36
N VAL A 154 -12.64 -4.28 14.78
CA VAL A 154 -11.19 -4.21 14.98
C VAL A 154 -10.92 -4.20 16.49
N VAL A 155 -10.21 -5.20 16.99
CA VAL A 155 -9.82 -5.25 18.40
C VAL A 155 -8.52 -4.48 18.59
N THR A 156 -8.56 -3.51 19.50
CA THR A 156 -7.40 -2.66 19.76
C THR A 156 -7.14 -2.54 21.26
N SER A 157 -5.89 -2.34 21.58
CA SER A 157 -5.52 -1.88 22.91
C SER A 157 -4.60 -0.70 22.70
N VAL A 158 -4.03 -0.15 23.78
CA VAL A 158 -3.18 1.02 23.68
C VAL A 158 -2.12 0.84 22.61
N GLY A 159 -2.28 1.52 21.49
CA GLY A 159 -1.28 1.49 20.46
C GLY A 159 -1.12 0.19 19.71
N LYS A 160 -2.07 -0.72 19.83
CA LYS A 160 -1.91 -2.01 19.17
C LYS A 160 -3.22 -2.45 18.54
N ILE A 161 -3.08 -3.05 17.37
CA ILE A 161 -4.22 -3.58 16.62
C ILE A 161 -4.05 -5.08 16.64
N ILE A 162 -4.89 -5.79 17.39
CA ILE A 162 -4.60 -7.18 17.69
C ILE A 162 -5.52 -8.22 17.06
N GLY A 163 -6.67 -7.84 16.52
CA GLY A 163 -7.59 -8.86 16.03
C GLY A 163 -8.70 -8.28 15.21
N ILE A 164 -9.35 -9.17 14.46
CA ILE A 164 -10.56 -8.87 13.70
C ILE A 164 -11.65 -9.77 14.30
N HIS A 165 -12.75 -9.17 14.73
CA HIS A 165 -13.82 -9.91 15.38
C HIS A 165 -14.52 -10.82 14.36
N ILE A 166 -14.67 -12.11 14.68
CA ILE A 166 -15.19 -13.07 13.71
C ILE A 166 -16.47 -13.74 14.13
N GLY A 167 -16.88 -13.65 15.38
CA GLY A 167 -18.08 -14.34 15.80
C GLY A 167 -18.11 -14.54 17.30
N GLY A 168 -19.09 -15.31 17.74
CA GLY A 168 -19.14 -15.55 19.17
C GLY A 168 -20.24 -16.52 19.48
N ASN A 169 -20.42 -16.80 20.77
CA ASN A 169 -21.37 -17.81 21.25
C ASN A 169 -22.52 -17.20 22.03
N GLY A 170 -22.67 -15.89 22.02
CA GLY A 170 -23.69 -15.17 22.74
C GLY A 170 -23.24 -14.66 24.08
N ARG A 171 -22.13 -15.16 24.57
CA ARG A 171 -21.55 -14.70 25.83
C ARG A 171 -20.16 -14.17 25.59
N GLN A 172 -19.32 -14.98 24.95
CA GLN A 172 -18.00 -14.54 24.54
C GLN A 172 -18.00 -14.27 23.04
N GLY A 173 -17.11 -13.34 22.69
CA GLY A 173 -16.72 -13.11 21.30
C GLY A 173 -15.32 -13.63 21.03
N PHE A 174 -15.03 -13.80 19.75
CA PHE A 174 -13.77 -14.34 19.28
C PHE A 174 -13.24 -13.50 18.14
N CYS A 175 -11.93 -13.27 18.14
CA CYS A 175 -11.25 -12.58 17.04
C CYS A 175 -10.22 -13.49 16.40
N ALA A 176 -9.99 -13.28 15.11
CA ALA A 176 -8.82 -13.80 14.42
C ALA A 176 -7.67 -12.89 14.84
N GLY A 177 -6.61 -13.46 15.36
CA GLY A 177 -5.50 -12.64 15.77
C GLY A 177 -4.76 -12.07 14.57
N LEU A 178 -4.24 -10.86 14.72
CA LEU A 178 -3.46 -10.23 13.65
C LEU A 178 -1.98 -10.28 13.97
N LYS A 179 -1.20 -10.61 12.96
CA LYS A 179 0.25 -10.54 12.99
C LYS A 179 0.74 -9.71 11.82
N ARG A 180 1.87 -9.03 12.03
CA ARG A 180 2.36 -8.11 10.99
C ARG A 180 2.66 -8.82 9.67
N SER A 181 3.16 -10.04 9.72
CA SER A 181 3.57 -10.74 8.52
C SER A 181 2.41 -11.02 7.56
N TYR A 182 1.17 -11.06 8.04
CA TYR A 182 0.07 -11.31 7.11
C TYR A 182 0.01 -10.22 6.05
N PHE A 183 0.56 -9.05 6.34
CA PHE A 183 0.45 -7.85 5.51
C PHE A 183 1.75 -7.45 4.87
N ALA A 184 2.75 -8.33 4.92
CA ALA A 184 4.10 -7.97 4.52
C ALA A 184 4.26 -7.78 3.01
N SER A 185 5.25 -6.95 2.67
CA SER A 185 5.73 -6.65 1.31
C SER A 185 4.73 -5.79 0.55
N SER B 7 19.98 22.78 -18.73
CA SER B 7 18.71 22.14 -18.40
C SER B 7 18.31 21.06 -19.40
N LEU B 8 18.15 21.46 -20.66
CA LEU B 8 17.85 20.47 -21.69
C LEU B 8 19.04 19.55 -21.90
N ASP B 9 20.25 20.04 -21.70
CA ASP B 9 21.40 19.17 -21.90
C ASP B 9 21.46 18.09 -20.84
N PHE B 10 21.10 18.41 -19.60
CA PHE B 10 21.09 17.41 -18.53
C PHE B 10 20.02 16.36 -18.79
N ALA B 11 18.82 16.82 -19.15
CA ALA B 11 17.76 15.87 -19.43
C ALA B 11 18.10 14.95 -20.59
N LEU B 12 18.74 15.49 -21.64
CA LEU B 12 19.09 14.66 -22.79
C LEU B 12 20.13 13.61 -22.43
N SER B 13 21.17 14.01 -21.69
CA SER B 13 22.17 13.07 -21.19
C SER B 13 21.54 12.04 -20.25
N LEU B 14 20.63 12.48 -19.39
CA LEU B 14 19.92 11.55 -18.52
C LEU B 14 19.11 10.54 -19.33
N LEU B 15 18.38 11.00 -20.34
CA LEU B 15 17.66 10.07 -21.21
C LEU B 15 18.63 9.04 -21.80
N ARG B 16 19.71 9.51 -22.41
CA ARG B 16 20.57 8.61 -23.18
C ARG B 16 21.30 7.63 -22.29
N ARG B 17 21.77 8.06 -21.10
CA ARG B 17 22.60 7.22 -20.25
C ARG B 17 21.83 6.50 -19.15
N ASN B 18 20.61 6.94 -18.83
CA ASN B 18 19.99 6.40 -17.63
C ASN B 18 18.52 6.08 -17.73
N VAL B 19 17.77 6.52 -18.72
CA VAL B 19 16.33 6.34 -18.70
C VAL B 19 15.92 5.35 -19.77
N ARG B 20 15.28 4.27 -19.34
CA ARG B 20 15.00 3.17 -20.25
C ARG B 20 13.54 2.79 -20.29
N GLN B 21 13.13 2.26 -21.45
CA GLN B 21 11.79 1.77 -21.68
C GLN B 21 11.63 0.40 -21.06
N VAL B 22 10.58 0.22 -20.26
CA VAL B 22 10.33 -1.09 -19.70
C VAL B 22 8.88 -1.47 -19.89
N GLN B 23 8.65 -2.78 -19.84
CA GLN B 23 7.32 -3.36 -19.78
C GLN B 23 7.31 -4.43 -18.70
N THR B 24 6.29 -4.39 -17.85
CA THR B 24 5.96 -5.49 -16.92
C THR B 24 4.57 -6.00 -17.26
N ASP B 25 4.10 -6.96 -16.47
CA ASP B 25 2.73 -7.44 -16.68
C ASP B 25 1.70 -6.32 -16.51
N GLN B 26 2.08 -5.24 -15.82
CA GLN B 26 1.21 -4.12 -15.58
C GLN B 26 1.23 -3.07 -16.69
N GLY B 27 2.12 -3.20 -17.68
CA GLY B 27 2.14 -2.33 -18.83
C GLY B 27 3.48 -1.64 -19.00
N HIS B 28 3.45 -0.47 -19.58
CA HIS B 28 4.65 0.25 -20.01
C HIS B 28 5.01 1.33 -19.01
N PHE B 29 6.31 1.40 -18.67
CA PHE B 29 6.76 2.38 -17.71
C PHE B 29 8.14 2.89 -18.09
N THR B 30 8.46 4.07 -17.58
CA THR B 30 9.78 4.66 -17.66
C THR B 30 10.59 4.22 -16.44
N MET B 31 11.84 3.80 -16.68
CA MET B 31 12.71 3.31 -15.63
C MET B 31 13.96 4.18 -15.54
N LEU B 32 14.34 4.55 -14.33
CA LEU B 32 15.56 5.31 -14.07
C LEU B 32 16.63 4.36 -13.54
N GLY B 33 17.69 4.18 -14.33
CA GLY B 33 18.89 3.52 -13.82
C GLY B 33 19.61 4.47 -12.89
N VAL B 34 19.94 3.98 -11.70
CA VAL B 34 20.48 4.81 -10.63
C VAL B 34 22.00 4.75 -10.57
N ARG B 35 22.54 3.53 -10.50
CA ARG B 35 23.98 3.31 -10.49
CA ARG B 35 23.98 3.31 -10.45
C ARG B 35 24.21 1.82 -10.57
N ASP B 36 25.35 1.45 -11.16
CA ASP B 36 25.71 0.05 -11.38
CA ASP B 36 25.73 0.06 -11.40
C ASP B 36 24.52 -0.73 -11.91
N ARG B 37 24.01 -1.69 -11.13
CA ARG B 37 22.91 -2.53 -11.59
C ARG B 37 21.59 -2.20 -10.94
N LEU B 38 21.52 -1.07 -10.28
CA LEU B 38 20.32 -0.66 -9.59
C LEU B 38 19.50 0.31 -10.41
N ALA B 39 18.18 0.10 -10.43
CA ALA B 39 17.24 0.98 -11.10
C ALA B 39 15.97 1.15 -10.27
N VAL B 40 15.28 2.25 -10.52
CA VAL B 40 14.07 2.58 -9.79
C VAL B 40 12.90 2.69 -10.74
N LEU B 41 11.77 2.14 -10.32
CA LEU B 41 10.52 2.07 -11.06
C LEU B 41 9.38 2.45 -10.14
N PRO B 42 8.26 2.92 -10.67
CA PRO B 42 7.05 3.00 -9.83
C PRO B 42 6.70 1.63 -9.27
N ARG B 43 6.30 1.62 -7.99
CA ARG B 43 5.86 0.39 -7.33
C ARG B 43 4.70 -0.27 -8.07
N HIS B 44 3.81 0.50 -8.69
CA HIS B 44 2.66 -0.14 -9.31
C HIS B 44 3.05 -0.90 -10.58
N SER B 45 4.29 -0.73 -11.08
CA SER B 45 4.75 -1.62 -12.15
C SER B 45 4.87 -3.07 -11.70
N GLN B 46 4.96 -3.32 -10.40
CA GLN B 46 5.02 -4.67 -9.83
CA GLN B 46 5.01 -4.66 -9.84
C GLN B 46 5.98 -5.57 -10.60
N PRO B 47 7.26 -5.20 -10.66
CA PRO B 47 8.21 -6.03 -11.42
C PRO B 47 8.29 -7.42 -10.84
N GLY B 48 8.34 -8.42 -11.72
CA GLY B 48 8.50 -9.80 -11.32
C GLY B 48 9.94 -10.26 -11.31
N LYS B 49 10.15 -11.56 -11.58
CA LYS B 49 11.51 -12.11 -11.56
C LYS B 49 12.25 -11.83 -12.86
N THR B 50 11.52 -11.44 -13.91
CA THR B 50 12.08 -10.90 -15.14
CA THR B 50 12.08 -10.89 -15.13
C THR B 50 11.29 -9.65 -15.50
N ILE B 51 11.90 -8.78 -16.32
CA ILE B 51 11.26 -7.58 -16.84
C ILE B 51 11.80 -7.38 -18.25
N TRP B 52 11.01 -6.73 -19.09
CA TRP B 52 11.47 -6.33 -20.41
C TRP B 52 12.05 -4.92 -20.37
N ILE B 53 13.29 -4.80 -20.82
CA ILE B 53 14.01 -3.53 -20.84
C ILE B 53 14.44 -3.34 -22.28
N GLU B 54 13.92 -2.33 -22.94
CA GLU B 54 14.25 -2.06 -24.33
C GLU B 54 14.05 -3.33 -25.16
N HIS B 55 12.95 -4.04 -24.90
CA HIS B 55 12.56 -5.21 -25.67
C HIS B 55 13.46 -6.41 -25.43
N LYS B 56 14.24 -6.40 -24.36
CA LYS B 56 15.07 -7.52 -23.95
C LYS B 56 14.62 -8.02 -22.59
N LEU B 57 14.48 -9.34 -22.45
CA LEU B 57 14.14 -9.90 -21.15
C LEU B 57 15.35 -9.88 -20.23
N VAL B 58 15.20 -9.34 -19.02
CA VAL B 58 16.31 -9.21 -18.08
C VAL B 58 15.85 -9.79 -16.75
N ASN B 59 16.72 -10.55 -16.11
CA ASN B 59 16.37 -11.07 -14.80
C ASN B 59 16.42 -9.98 -13.74
N VAL B 60 15.43 -10.01 -12.83
CA VAL B 60 15.42 -9.14 -11.67
C VAL B 60 15.94 -9.96 -10.50
N LEU B 61 17.12 -9.62 -10.00
CA LEU B 61 17.77 -10.39 -8.94
C LEU B 61 17.34 -9.99 -7.54
N ASP B 62 16.79 -8.80 -7.38
CA ASP B 62 16.27 -8.35 -6.09
C ASP B 62 15.33 -7.18 -6.38
N ALA B 63 14.40 -6.97 -5.46
CA ALA B 63 13.48 -5.86 -5.56
C ALA B 63 13.14 -5.48 -4.14
N VAL B 64 13.29 -4.20 -3.81
CA VAL B 64 13.02 -3.75 -2.46
C VAL B 64 12.22 -2.46 -2.50
N GLU B 65 11.34 -2.29 -1.51
CA GLU B 65 10.62 -1.05 -1.35
C GLU B 65 11.60 0.07 -1.05
N LEU B 66 11.34 1.24 -1.62
CA LEU B 66 12.00 2.48 -1.22
C LEU B 66 11.16 3.11 -0.12
N VAL B 67 11.82 3.50 0.98
CA VAL B 67 11.15 4.03 2.16
C VAL B 67 11.88 5.29 2.56
N ASP B 68 11.20 6.14 3.36
CA ASP B 68 11.84 7.33 3.89
C ASP B 68 12.38 7.06 5.30
N GLU B 69 12.96 8.09 5.96
CA GLU B 69 13.67 7.91 7.22
C GLU B 69 12.75 7.37 8.32
N GLN B 70 11.45 7.67 8.24
CA GLN B 70 10.48 7.14 9.19
C GLN B 70 9.91 5.79 8.78
N GLY B 71 10.38 5.22 7.66
CA GLY B 71 9.94 3.92 7.20
C GLY B 71 8.74 3.94 6.28
N VAL B 72 8.26 5.13 5.89
CA VAL B 72 7.09 5.23 5.03
C VAL B 72 7.45 4.83 3.60
N ASN B 73 6.56 4.08 2.95
CA ASN B 73 6.78 3.64 1.58
C ASN B 73 6.68 4.83 0.63
N LEU B 74 7.57 4.89 -0.35
CA LEU B 74 7.65 6.02 -1.27
C LEU B 74 6.95 5.78 -2.60
N GLU B 75 6.32 4.61 -2.79
CA GLU B 75 5.67 4.23 -4.03
C GLU B 75 6.64 3.97 -5.17
N LEU B 76 7.89 3.67 -4.83
CA LEU B 76 8.92 3.35 -5.79
C LEU B 76 9.55 2.03 -5.35
N THR B 77 10.02 1.25 -6.32
CA THR B 77 10.72 -0.02 -6.08
C THR B 77 12.11 0.06 -6.66
N LEU B 78 13.09 -0.35 -5.88
CA LEU B 78 14.49 -0.39 -6.29
C LEU B 78 14.83 -1.83 -6.67
N ILE B 79 15.15 -2.04 -7.93
CA ILE B 79 15.40 -3.38 -8.46
C ILE B 79 16.88 -3.50 -8.81
N THR B 80 17.40 -4.71 -8.65
CA THR B 80 18.76 -5.05 -9.04
C THR B 80 18.68 -5.92 -10.28
N LEU B 81 19.36 -5.51 -11.35
CA LEU B 81 19.23 -6.14 -12.65
C LEU B 81 20.41 -7.06 -12.92
N ASP B 82 20.13 -8.22 -13.52
CA ASP B 82 21.15 -9.16 -13.99
C ASP B 82 21.65 -8.66 -15.34
N THR B 83 22.48 -7.63 -15.30
CA THR B 83 23.02 -7.04 -16.51
C THR B 83 24.53 -6.95 -16.40
N ASN B 84 25.20 -6.92 -17.56
CA ASN B 84 26.63 -6.72 -17.59
C ASN B 84 26.96 -5.23 -17.49
N GLU B 85 26.12 -4.40 -18.10
CA GLU B 85 26.29 -2.95 -18.10
C GLU B 85 26.17 -2.39 -16.69
N LYS B 86 26.90 -1.32 -16.41
CA LYS B 86 26.70 -0.52 -15.21
C LYS B 86 26.09 0.81 -15.62
N PHE B 87 25.02 1.22 -14.93
CA PHE B 87 24.51 2.57 -15.11
C PHE B 87 25.51 3.61 -14.60
N ARG B 88 25.66 4.70 -15.35
CA ARG B 88 26.29 5.89 -14.80
C ARG B 88 25.60 6.28 -13.49
N ASP B 89 26.39 6.59 -12.45
CA ASP B 89 25.84 6.83 -11.13
C ASP B 89 25.30 8.25 -11.11
N ILE B 90 23.98 8.40 -10.97
CA ILE B 90 23.35 9.70 -10.99
C ILE B 90 22.95 10.17 -9.59
N THR B 91 23.39 9.48 -8.53
CA THR B 91 22.92 9.88 -7.21
C THR B 91 23.39 11.28 -6.80
N LYS B 92 24.54 11.76 -7.32
CA LYS B 92 24.96 13.11 -7.02
C LYS B 92 24.02 14.17 -7.58
N PHE B 93 23.20 13.81 -8.55
CA PHE B 93 22.24 14.74 -9.14
C PHE B 93 20.92 14.73 -8.41
N ILE B 94 20.73 13.87 -7.41
CA ILE B 94 19.53 13.87 -6.56
C ILE B 94 19.79 14.78 -5.37
N PRO B 95 18.90 15.72 -5.08
CA PRO B 95 19.23 16.73 -4.06
C PRO B 95 19.22 16.11 -2.67
N GLU B 96 19.89 16.81 -1.74
CA GLU B 96 19.93 16.31 -0.37
C GLU B 96 18.57 16.39 0.30
N ASN B 97 17.73 17.34 -0.11
CA ASN B 97 16.38 17.45 0.42
C ASN B 97 15.36 17.53 -0.71
N ILE B 98 14.12 17.13 -0.37
CA ILE B 98 13.03 17.20 -1.34
CA ILE B 98 13.02 17.21 -1.33
C ILE B 98 12.90 18.65 -1.82
N SER B 99 12.84 18.82 -3.13
CA SER B 99 12.94 20.14 -3.75
CA SER B 99 12.94 20.14 -3.75
C SER B 99 11.75 20.42 -4.66
N THR B 100 11.13 21.58 -4.45
CA THR B 100 10.22 22.18 -5.44
C THR B 100 11.03 22.73 -6.62
N ALA B 101 10.33 23.22 -7.65
CA ALA B 101 11.00 23.73 -8.83
C ALA B 101 10.10 24.76 -9.48
N SER B 102 10.72 25.69 -10.19
CA SER B 102 9.98 26.68 -10.95
C SER B 102 9.85 26.28 -12.42
N ASP B 103 10.77 25.44 -12.92
CA ASP B 103 10.79 25.04 -14.34
C ASP B 103 11.34 23.63 -14.45
N ALA B 104 10.47 22.67 -14.37
CA ALA B 104 10.85 21.27 -14.42
C ALA B 104 10.53 20.70 -15.79
N THR B 105 11.32 19.68 -16.18
CA THR B 105 11.09 18.94 -17.42
C THR B 105 11.00 17.46 -17.07
N LEU B 106 9.94 16.80 -17.52
CA LEU B 106 9.81 15.36 -17.31
C LEU B 106 10.48 14.64 -18.48
N VAL B 107 11.23 13.60 -18.17
CA VAL B 107 11.79 12.70 -19.14
C VAL B 107 10.98 11.41 -19.09
N ILE B 108 10.27 11.12 -20.17
CA ILE B 108 9.49 9.91 -20.34
C ILE B 108 10.08 9.10 -21.47
N ASN B 109 10.16 7.79 -21.28
CA ASN B 109 10.70 6.93 -22.32
C ASN B 109 10.05 5.57 -22.17
N THR B 110 9.00 5.32 -22.93
CA THR B 110 8.40 4.02 -23.08
C THR B 110 8.27 3.75 -24.56
N GLU B 111 7.86 2.52 -24.88
CA GLU B 111 7.64 2.17 -26.28
C GLU B 111 6.63 3.12 -26.93
N HIS B 112 5.62 3.51 -26.18
CA HIS B 112 4.52 4.31 -26.70
C HIS B 112 4.81 5.79 -26.64
N MET B 113 5.64 6.22 -25.70
CA MET B 113 6.06 7.62 -25.56
C MET B 113 7.57 7.64 -25.51
N PRO B 114 8.25 7.41 -26.63
CA PRO B 114 9.70 7.26 -26.57
C PRO B 114 10.37 8.62 -26.50
N SER B 115 11.46 8.69 -25.73
CA SER B 115 12.42 9.78 -25.77
C SER B 115 11.74 11.14 -25.75
N MET B 116 10.95 11.36 -24.71
CA MET B 116 10.09 12.53 -24.63
C MET B 116 10.50 13.46 -23.50
N PHE B 117 10.59 14.76 -23.81
CA PHE B 117 10.92 15.82 -22.86
C PHE B 117 9.70 16.70 -22.73
N VAL B 118 9.11 16.74 -21.55
CA VAL B 118 7.87 17.49 -21.34
C VAL B 118 8.13 18.56 -20.28
N PRO B 119 8.30 19.83 -20.68
CA PRO B 119 8.33 20.91 -19.68
C PRO B 119 6.98 21.03 -18.98
N VAL B 120 7.02 21.12 -17.65
CA VAL B 120 5.79 21.19 -16.88
C VAL B 120 5.71 22.43 -16.01
N GLY B 121 6.74 23.28 -16.02
CA GLY B 121 6.70 24.45 -15.17
C GLY B 121 6.92 24.12 -13.71
N ASP B 122 6.08 24.68 -12.86
CA ASP B 122 6.35 24.64 -11.43
C ASP B 122 6.03 23.26 -10.86
N VAL B 123 6.88 22.80 -9.95
CA VAL B 123 6.64 21.61 -9.17
C VAL B 123 6.46 22.08 -7.75
N VAL B 124 5.29 21.81 -7.18
CA VAL B 124 4.89 22.46 -5.93
C VAL B 124 4.59 21.41 -4.86
N GLN B 125 4.58 21.84 -3.61
CA GLN B 125 4.16 21.01 -2.51
C GLN B 125 2.70 21.24 -2.19
N TYR B 126 1.97 20.16 -1.88
CA TYR B 126 0.55 20.20 -1.63
C TYR B 126 0.30 19.41 -0.36
N GLY B 127 -0.22 20.07 0.68
CA GLY B 127 -0.32 19.42 1.98
C GLY B 127 -1.20 20.19 2.94
N PHE B 128 -1.53 19.50 4.05
CA PHE B 128 -2.47 20.05 5.03
C PHE B 128 -1.90 20.03 6.45
N THR B 139 2.66 15.82 -1.01
CA THR B 139 2.65 15.37 -2.40
C THR B 139 3.28 16.44 -3.27
N MET B 140 4.08 16.07 -4.27
CA MET B 140 4.64 17.05 -5.22
C MET B 140 3.83 17.02 -6.52
N MET B 141 3.49 18.20 -7.02
CA MET B 141 2.48 18.38 -8.05
C MET B 141 2.88 19.40 -9.12
N TYR B 142 2.37 19.19 -10.34
CA TYR B 142 2.69 20.03 -11.48
C TYR B 142 1.59 19.88 -12.54
N ASN B 143 1.42 20.92 -13.35
CA ASN B 143 0.46 20.84 -14.44
C ASN B 143 0.96 19.86 -15.50
N PHE B 144 0.19 18.83 -15.77
CA PHE B 144 0.56 17.76 -16.69
C PHE B 144 -0.68 16.91 -16.97
N PRO B 145 -1.40 17.16 -18.06
CA PRO B 145 -2.68 16.47 -18.26
C PRO B 145 -2.45 14.97 -18.30
N THR B 146 -3.33 14.25 -17.61
CA THR B 146 -3.14 12.84 -17.34
C THR B 146 -3.63 11.98 -18.49
N LYS B 147 -2.86 10.94 -18.79
CA LYS B 147 -3.29 9.87 -19.68
C LYS B 147 -2.45 8.65 -19.37
N ALA B 148 -2.83 7.52 -19.94
CA ALA B 148 -2.12 6.26 -19.67
C ALA B 148 -0.65 6.40 -20.07
N GLY B 149 0.20 5.72 -19.34
CA GLY B 149 1.56 5.49 -19.77
C GLY B 149 2.60 6.47 -19.28
N GLN B 150 2.28 7.33 -18.33
CA GLN B 150 3.21 8.35 -17.85
C GLN B 150 4.01 7.92 -16.62
N CYS B 151 3.66 6.81 -15.97
CA CYS B 151 4.29 6.47 -14.70
C CYS B 151 5.76 6.13 -14.89
N GLY B 152 6.58 6.65 -13.98
CA GLY B 152 8.02 6.51 -14.07
C GLY B 152 8.71 7.72 -14.63
N GLY B 153 7.96 8.64 -15.22
CA GLY B 153 8.58 9.80 -15.82
C GLY B 153 9.47 10.50 -14.82
N VAL B 154 10.66 10.91 -15.26
CA VAL B 154 11.68 11.43 -14.37
C VAL B 154 11.58 12.96 -14.34
N VAL B 155 11.34 13.53 -13.17
CA VAL B 155 11.18 14.97 -13.01
C VAL B 155 12.56 15.60 -12.80
N THR B 156 12.96 16.47 -13.73
CA THR B 156 14.28 17.09 -13.64
C THR B 156 14.12 18.60 -13.55
N SER B 157 15.06 19.24 -12.87
CA SER B 157 15.07 20.70 -12.74
C SER B 157 16.47 21.16 -12.41
N VAL B 158 16.95 22.15 -13.15
CA VAL B 158 18.29 22.74 -13.01
C VAL B 158 19.35 21.70 -12.62
N GLY B 159 19.50 20.71 -13.48
CA GLY B 159 20.56 19.74 -13.31
C GLY B 159 20.36 18.75 -12.20
N LYS B 160 19.15 18.67 -11.64
CA LYS B 160 18.81 17.78 -10.55
C LYS B 160 17.67 16.83 -10.92
N ILE B 161 17.66 15.67 -10.29
CA ILE B 161 16.60 14.68 -10.43
C ILE B 161 15.76 14.79 -9.18
N ILE B 162 14.57 15.38 -9.29
CA ILE B 162 13.81 15.75 -8.09
C ILE B 162 12.62 14.86 -7.82
N GLY B 163 12.18 14.02 -8.76
CA GLY B 163 10.96 13.26 -8.51
C GLY B 163 10.76 12.20 -9.58
N ILE B 164 9.87 11.23 -9.29
CA ILE B 164 9.40 10.23 -10.26
C ILE B 164 7.88 10.31 -10.28
N HIS B 165 7.31 10.51 -11.47
CA HIS B 165 5.87 10.58 -11.67
C HIS B 165 5.19 9.29 -11.28
N ILE B 166 4.22 9.39 -10.38
CA ILE B 166 3.51 8.21 -9.90
C ILE B 166 2.00 8.28 -10.08
N GLY B 167 1.44 9.35 -10.63
CA GLY B 167 0.01 9.36 -10.89
C GLY B 167 -0.45 10.75 -11.25
N GLY B 168 -1.76 10.88 -11.42
CA GLY B 168 -2.32 12.17 -11.78
C GLY B 168 -3.76 12.25 -11.32
N ASN B 169 -4.33 13.44 -11.51
CA ASN B 169 -5.74 13.69 -11.19
C ASN B 169 -6.54 14.12 -12.40
N GLY B 170 -5.98 14.00 -13.60
CA GLY B 170 -6.61 14.47 -14.81
C GLY B 170 -5.91 15.69 -15.36
N ARG B 171 -5.60 16.62 -14.47
CA ARG B 171 -5.00 17.90 -14.85
C ARG B 171 -3.58 18.07 -14.36
N GLN B 172 -3.29 17.61 -13.16
CA GLN B 172 -1.96 17.65 -12.56
C GLN B 172 -1.37 16.25 -12.52
N GLY B 173 -0.02 16.21 -12.66
CA GLY B 173 0.73 15.04 -12.30
C GLY B 173 1.26 15.16 -10.89
N PHE B 174 1.58 14.03 -10.30
CA PHE B 174 2.15 13.96 -8.97
C PHE B 174 3.37 13.06 -9.00
N CYS B 175 4.40 13.48 -8.29
CA CYS B 175 5.65 12.74 -8.26
C CYS B 175 6.06 12.40 -6.83
N ALA B 176 6.67 11.22 -6.68
CA ALA B 176 7.41 10.89 -5.45
C ALA B 176 8.66 11.75 -5.41
N GLY B 177 8.75 12.65 -4.44
CA GLY B 177 9.91 13.51 -4.34
C GLY B 177 11.11 12.70 -3.88
N LEU B 178 12.26 13.01 -4.47
CA LEU B 178 13.48 12.28 -4.18
C LEU B 178 14.45 13.08 -3.32
N LYS B 179 15.13 12.34 -2.44
CA LYS B 179 16.23 12.79 -1.61
C LYS B 179 17.37 11.81 -1.86
N ARG B 180 18.61 12.32 -1.81
CA ARG B 180 19.76 11.48 -2.13
C ARG B 180 19.88 10.29 -1.17
N SER B 181 19.51 10.48 0.09
CA SER B 181 19.67 9.43 1.09
C SER B 181 18.78 8.23 0.84
N TYR B 182 17.71 8.39 0.06
CA TYR B 182 16.86 7.25 -0.28
C TYR B 182 17.62 6.19 -1.07
N PHE B 183 18.72 6.57 -1.73
CA PHE B 183 19.48 5.68 -2.59
C PHE B 183 20.84 5.34 -2.01
N ALA B 184 21.09 5.69 -0.75
CA ALA B 184 22.36 5.39 -0.11
C ALA B 184 22.42 3.91 0.26
N SER B 185 23.62 3.34 0.14
CA SER B 185 23.83 1.93 0.46
C SER B 185 24.20 1.78 1.95
C01 G7L C . -22.82 -6.72 13.31
C02 G7L C . -22.62 -5.48 14.20
C03 G7L C . -22.56 -5.88 15.64
C04 G7L C . -25.05 -5.49 15.81
C05 G7L C . -23.72 -6.35 17.79
C06 G7L C . -23.53 -5.15 18.70
C07 G7L C . -22.71 -3.18 20.00
C08 G7L C . -24.10 -3.48 20.09
C09 G7L C . -25.10 -2.74 21.00
F01 G7L C . -25.84 -1.95 20.19
F02 G7L C . -24.40 -1.97 21.93
F03 G7L C . -25.86 -3.61 21.73
N01 G7L C . -23.77 -5.90 16.40
N02 G7L C . -24.50 -4.58 19.40
O01 G7L C . -21.54 -6.23 16.14
S01 G7L C . -22.09 -4.35 18.95
H1 G7L C . -23.59 -7.22 13.64
H2 G7L C . -22.05 -7.30 13.35
H3 G7L C . -21.79 -5.03 13.95
H4 G7L C . -24.95 -4.63 15.38
H5 G7L C . -25.32 -6.15 15.14
H6 G7L C . -25.73 -5.44 16.49
H7 G7L C . -22.96 -6.96 17.90
H8 G7L C . -24.54 -6.80 18.01
H9 G7L C . -22.25 -2.50 20.43
#